data_7POD
#
_entry.id   7POD
#
_cell.length_a   47.144
_cell.length_b   92.522
_cell.length_c   124.572
_cell.angle_alpha   90.000
_cell.angle_beta   90.000
_cell.angle_gamma   90.000
#
_symmetry.space_group_name_H-M   'C 2 2 21'
#
loop_
_entity.id
_entity.type
_entity.pdbx_description
1 polymer 'Putative endo-beta-N-acetylglucosaminidase'
2 branched '2-acetamido-2-deoxy-beta-D-glucopyranose-(1-4)-N-acetyl-beta-muramic acid-(1-4)-2-acetamido-2-deoxy-beta-D-glucopyranose-(1-4)-methyl 2-acetamido-3-O-[(1R)-1-carboxyethyl]-2-deoxy-beta-D-glucopyranoside'
3 non-polymer 'PENTAETHYLENE GLYCOL'
4 non-polymer DI(HYDROXYETHYL)ETHER
5 non-polymer 'CALCIUM ION'
6 water water
#
_entity_poly.entity_id   1
_entity_poly.type   'polypeptide(L)'
_entity_poly.pdbx_seq_one_letter_code
;NAAYYQVVPVTANVYDSDGEKLSYISQGSVVWLDKDRKSDDKRLAITISGLSGYMKTEDLQALDASKDFIPYYESDGHRF
YHYVAQNASIPVASHLSDMEVGKKYYSADGLHFDGFKLENPFLFKDLTEATNYSAEELDKVFSLLNINNSLLENKGATFK
EAEEHYHINALYLLAHSALESNWGRSKIAKDKNNFFGITAYDTTPYLSAKTFDDVDKGILGATKWIKENYIDRGRTFLGN
KASGMNVEYASDPYWGEKIASVMMKINEKLGGKD
;
_entity_poly.pdbx_strand_id   A
#
# COMPACT_ATOMS: atom_id res chain seq x y z
N ALA A 2 15.30 20.24 11.27
CA ALA A 2 14.54 19.07 11.80
C ALA A 2 14.92 17.79 11.04
N ALA A 3 14.73 16.63 11.67
CA ALA A 3 14.97 15.34 11.01
C ALA A 3 13.75 14.89 10.21
N TYR A 4 12.55 15.33 10.55
CA TYR A 4 11.30 14.80 9.95
C TYR A 4 10.42 15.97 9.54
N TYR A 5 9.78 15.76 8.41
CA TYR A 5 8.88 16.76 7.80
C TYR A 5 7.58 16.09 7.36
N GLN A 6 6.50 16.86 7.43
CA GLN A 6 5.17 16.37 7.04
C GLN A 6 4.70 17.10 5.79
N VAL A 7 4.00 16.36 4.96
CA VAL A 7 3.44 16.93 3.70
C VAL A 7 2.19 17.75 3.99
N VAL A 8 2.16 18.99 3.52
CA VAL A 8 1.03 19.91 3.84
C VAL A 8 -0.09 19.84 2.79
N PRO A 9 0.19 19.94 1.47
CA PRO A 9 -0.85 19.93 0.44
C PRO A 9 -1.43 18.53 0.24
N VAL A 10 -2.52 18.46 -0.52
CA VAL A 10 -3.29 17.20 -0.74
C VAL A 10 -2.35 16.10 -1.24
N THR A 11 -1.55 16.43 -2.21
CA THR A 11 -0.37 15.63 -2.57
C THR A 11 0.82 16.57 -2.81
N ALA A 12 2.01 16.00 -2.82
CA ALA A 12 3.24 16.72 -3.18
C ALA A 12 4.12 15.78 -3.98
N ASN A 13 4.87 16.34 -4.89
CA ASN A 13 5.77 15.52 -5.73
C ASN A 13 7.12 15.32 -5.03
N VAL A 14 7.72 14.21 -5.41
CA VAL A 14 9.14 13.95 -5.09
C VAL A 14 9.90 14.00 -6.40
N TYR A 15 11.01 14.70 -6.37
CA TYR A 15 11.84 14.98 -7.56
C TYR A 15 13.22 14.34 -7.45
N ASP A 16 13.84 14.14 -8.60
CA ASP A 16 15.27 13.77 -8.64
C ASP A 16 16.13 15.02 -8.65
N SER A 17 17.44 14.86 -8.78
CA SER A 17 18.36 16.03 -8.71
C SER A 17 18.21 16.93 -9.96
N ASP A 18 17.68 16.41 -11.07
CA ASP A 18 17.45 17.13 -12.35
C ASP A 18 16.14 17.92 -12.28
N GLY A 19 15.37 17.76 -11.20
CA GLY A 19 14.01 18.30 -11.09
C GLY A 19 12.93 17.50 -11.82
N GLU A 20 13.21 16.28 -12.27
CA GLU A 20 12.19 15.38 -12.85
C GLU A 20 11.36 14.75 -11.75
N LYS A 21 10.05 14.66 -11.98
N LYS A 21 10.04 14.66 -11.98
CA LYS A 21 9.14 14.00 -11.01
CA LYS A 21 9.11 14.01 -11.01
C LYS A 21 9.43 12.49 -10.97
C LYS A 21 9.41 12.50 -10.97
N LEU A 22 9.65 11.97 -9.76
CA LEU A 22 9.80 10.51 -9.51
C LEU A 22 8.50 9.87 -9.02
N SER A 23 7.77 10.58 -8.18
CA SER A 23 6.50 10.09 -7.63
C SER A 23 5.77 11.25 -6.95
N TYR A 24 4.76 10.91 -6.18
CA TYR A 24 3.93 11.88 -5.42
C TYR A 24 3.50 11.18 -4.14
N ILE A 25 3.33 11.95 -3.08
CA ILE A 25 2.91 11.39 -1.79
C ILE A 25 1.78 12.22 -1.17
N SER A 26 1.06 11.59 -0.27
CA SER A 26 -0.19 12.13 0.30
C SER A 26 0.08 13.15 1.41
N GLN A 27 -0.85 14.06 1.55
CA GLN A 27 -1.00 14.94 2.74
C GLN A 27 -0.83 14.13 4.02
N GLY A 28 -0.02 14.66 4.92
CA GLY A 28 0.23 14.09 6.25
C GLY A 28 1.37 13.12 6.22
N SER A 29 1.82 12.68 5.04
CA SER A 29 2.97 11.74 5.00
C SER A 29 4.18 12.37 5.67
N VAL A 30 4.94 11.56 6.38
CA VAL A 30 6.16 12.00 7.07
C VAL A 30 7.38 11.50 6.32
N VAL A 31 8.27 12.43 6.01
CA VAL A 31 9.50 12.14 5.25
C VAL A 31 10.69 12.40 6.15
N TRP A 32 11.79 11.71 5.86
N TRP A 32 11.78 11.69 5.88
CA TRP A 32 13.05 11.80 6.64
CA TRP A 32 13.03 11.82 6.66
C TRP A 32 14.03 12.70 5.89
C TRP A 32 13.99 12.72 5.89
N LEU A 33 14.67 13.63 6.60
CA LEU A 33 15.78 14.39 6.01
C LEU A 33 16.95 13.42 5.78
N ASP A 34 17.47 13.45 4.57
CA ASP A 34 18.62 12.61 4.18
C ASP A 34 19.89 13.41 4.39
N LYS A 35 20.68 13.08 5.43
CA LYS A 35 21.86 13.92 5.77
C LYS A 35 23.06 13.59 4.86
N ASP A 36 22.91 12.63 3.98
CA ASP A 36 24.02 12.25 3.07
C ASP A 36 23.96 13.02 1.75
N ARG A 37 22.88 13.79 1.51
CA ARG A 37 22.74 14.62 0.31
C ARG A 37 22.51 16.07 0.73
N LYS A 38 22.81 16.97 -0.18
CA LYS A 38 22.76 18.43 0.03
C LYS A 38 21.29 18.89 -0.01
N SER A 39 20.85 19.62 1.03
CA SER A 39 19.59 20.38 1.04
C SER A 39 19.93 21.87 0.88
N ASP A 40 18.93 22.65 0.50
CA ASP A 40 19.08 24.13 0.48
C ASP A 40 17.78 24.77 0.93
N ASP A 41 17.68 26.08 0.75
CA ASP A 41 16.51 26.89 1.14
C ASP A 41 15.24 26.38 0.44
N LYS A 42 15.36 25.88 -0.79
CA LYS A 42 14.22 25.65 -1.71
C LYS A 42 13.85 24.17 -1.72
N ARG A 43 14.83 23.28 -1.52
CA ARG A 43 14.55 21.84 -1.65
C ARG A 43 15.30 21.04 -0.59
N LEU A 44 14.60 20.08 -0.01
CA LEU A 44 15.20 19.18 0.98
C LEU A 44 15.46 17.82 0.32
N ALA A 45 16.61 17.26 0.58
CA ALA A 45 16.92 15.84 0.30
C ALA A 45 16.20 15.00 1.34
N ILE A 46 15.27 14.16 0.88
CA ILE A 46 14.44 13.34 1.79
C ILE A 46 14.37 11.90 1.32
N THR A 47 13.91 11.05 2.23
N THR A 47 13.92 11.04 2.23
CA THR A 47 13.61 9.64 1.93
CA THR A 47 13.63 9.61 1.94
C THR A 47 12.22 9.30 2.44
C THR A 47 12.22 9.29 2.45
N ILE A 48 11.49 8.50 1.66
CA ILE A 48 10.11 8.08 2.00
C ILE A 48 9.88 6.77 1.29
N SER A 49 9.48 5.75 2.02
CA SER A 49 8.97 4.50 1.40
C SER A 49 9.94 3.98 0.35
N GLY A 50 11.23 3.95 0.69
CA GLY A 50 12.28 3.41 -0.20
C GLY A 50 12.83 4.42 -1.22
N LEU A 51 12.17 5.58 -1.38
CA LEU A 51 12.56 6.54 -2.42
C LEU A 51 13.42 7.64 -1.83
N SER A 52 14.60 7.85 -2.40
CA SER A 52 15.47 8.99 -2.01
C SER A 52 15.36 10.06 -3.12
N GLY A 53 14.89 11.24 -2.79
CA GLY A 53 14.75 12.32 -3.78
C GLY A 53 14.74 13.66 -3.09
N TYR A 54 14.09 14.60 -3.73
CA TYR A 54 14.00 15.98 -3.22
C TYR A 54 12.55 16.40 -3.17
N MET A 55 12.25 17.22 -2.17
CA MET A 55 10.93 17.86 -2.06
C MET A 55 11.08 19.36 -1.87
N LYS A 56 10.10 20.07 -2.40
CA LYS A 56 10.05 21.53 -2.17
C LYS A 56 9.73 21.82 -0.71
N THR A 57 10.49 22.74 -0.12
N THR A 57 10.48 22.73 -0.10
CA THR A 57 10.24 23.23 1.25
CA THR A 57 10.21 23.19 1.28
C THR A 57 8.81 23.79 1.34
C THR A 57 8.80 23.78 1.35
N GLU A 58 8.29 24.37 0.25
CA GLU A 58 6.93 24.92 0.23
C GLU A 58 5.92 23.87 0.63
N ASP A 59 6.19 22.59 0.31
CA ASP A 59 5.20 21.51 0.52
C ASP A 59 5.31 20.88 1.92
N LEU A 60 6.25 21.30 2.77
CA LEU A 60 6.61 20.54 4.01
C LEU A 60 6.47 21.43 5.23
N GLN A 61 6.28 20.78 6.38
CA GLN A 61 6.30 21.41 7.72
C GLN A 61 7.23 20.56 8.58
N ALA A 62 8.16 21.17 9.27
CA ALA A 62 9.04 20.46 10.22
C ALA A 62 8.22 19.91 11.40
N LEU A 63 8.59 18.71 11.83
CA LEU A 63 8.04 18.06 13.04
C LEU A 63 9.08 18.04 14.16
N ASP A 64 8.59 17.88 15.38
CA ASP A 64 9.36 17.60 16.61
C ASP A 64 8.94 16.21 17.06
N ALA A 65 9.87 15.25 16.99
CA ALA A 65 9.56 13.82 17.27
C ALA A 65 9.20 13.61 18.74
N SER A 66 9.52 14.55 19.62
CA SER A 66 9.19 14.43 21.07
C SER A 66 7.71 14.74 21.30
N LYS A 67 6.98 15.27 20.32
CA LYS A 67 5.55 15.58 20.56
C LYS A 67 4.69 15.32 19.34
N ASP A 68 5.26 15.22 18.13
CA ASP A 68 4.45 14.98 16.91
C ASP A 68 4.55 13.51 16.50
N PHE A 69 3.50 12.98 15.92
CA PHE A 69 3.52 11.57 15.44
C PHE A 69 4.55 11.42 14.30
N ILE A 70 5.43 10.43 14.46
CA ILE A 70 6.37 9.93 13.42
C ILE A 70 6.02 8.44 13.24
N PRO A 71 5.76 7.95 12.00
CA PRO A 71 5.51 6.51 11.83
C PRO A 71 6.67 5.68 12.36
N TYR A 72 6.30 4.53 12.90
CA TYR A 72 7.24 3.59 13.51
C TYR A 72 6.72 2.18 13.39
N TYR A 73 7.59 1.23 13.73
CA TYR A 73 7.27 -0.20 13.75
C TYR A 73 7.46 -0.75 15.16
N GLU A 74 6.63 -1.73 15.54
CA GLU A 74 6.71 -2.30 16.90
C GLU A 74 6.20 -3.73 16.88
N SER A 75 6.85 -4.59 17.68
CA SER A 75 6.41 -5.98 17.85
C SER A 75 5.59 -6.14 19.13
N ASP A 76 4.55 -6.96 19.05
CA ASP A 76 3.81 -7.43 20.26
C ASP A 76 4.36 -8.79 20.71
N GLY A 77 5.42 -9.31 20.10
CA GLY A 77 6.01 -10.64 20.39
C GLY A 77 5.49 -11.73 19.45
N HIS A 78 4.54 -11.39 18.59
CA HIS A 78 3.93 -12.35 17.64
C HIS A 78 4.05 -11.79 16.23
N ARG A 79 3.62 -10.54 16.08
CA ARG A 79 3.72 -9.86 14.78
C ARG A 79 4.40 -8.51 14.98
N PHE A 80 5.01 -8.05 13.90
CA PHE A 80 5.62 -6.72 13.79
C PHE A 80 4.66 -5.83 13.03
N TYR A 81 4.34 -4.69 13.63
CA TYR A 81 3.30 -3.78 13.13
C TYR A 81 3.93 -2.46 12.69
N HIS A 82 3.46 -1.92 11.57
CA HIS A 82 3.76 -0.51 11.17
C HIS A 82 2.63 0.39 11.60
N TYR A 83 2.92 1.34 12.48
CA TYR A 83 2.00 2.44 12.78
C TYR A 83 2.13 3.50 11.68
N VAL A 84 1.26 3.38 10.71
CA VAL A 84 1.19 4.25 9.51
C VAL A 84 0.52 5.57 9.87
N ALA A 85 -0.26 5.59 10.95
CA ALA A 85 -0.87 6.82 11.50
C ALA A 85 -0.96 6.65 13.00
N GLN A 86 -1.19 7.72 13.73
CA GLN A 86 -1.14 7.60 15.21
C GLN A 86 -2.11 6.51 15.73
N ASN A 87 -3.28 6.37 15.09
N ASN A 87 -3.26 6.34 15.08
CA ASN A 87 -4.35 5.44 15.55
CA ASN A 87 -4.34 5.43 15.55
C ASN A 87 -4.57 4.30 14.55
C ASN A 87 -4.55 4.27 14.58
N ALA A 88 -3.57 3.93 13.74
CA ALA A 88 -3.72 2.82 12.76
C ALA A 88 -2.41 2.07 12.60
N SER A 89 -2.48 0.75 12.83
CA SER A 89 -1.33 -0.16 12.64
C SER A 89 -1.69 -1.31 11.70
N ILE A 90 -0.68 -1.81 10.99
CA ILE A 90 -0.86 -2.98 10.08
C ILE A 90 0.24 -3.98 10.41
N PRO A 91 -0.10 -5.29 10.42
CA PRO A 91 0.93 -6.29 10.63
C PRO A 91 1.71 -6.51 9.32
N VAL A 92 3.04 -6.44 9.36
CA VAL A 92 3.88 -6.57 8.13
C VAL A 92 4.72 -7.83 8.17
N ALA A 93 4.96 -8.41 9.33
CA ALA A 93 5.91 -9.54 9.43
C ALA A 93 5.68 -10.28 10.72
N SER A 94 6.23 -11.49 10.85
N SER A 94 6.25 -11.48 10.84
CA SER A 94 6.31 -12.22 12.13
CA SER A 94 6.32 -12.21 12.13
C SER A 94 7.35 -11.53 13.02
C SER A 94 7.37 -11.54 13.03
N HIS A 95 7.20 -11.69 14.34
CA HIS A 95 8.19 -11.31 15.34
C HIS A 95 9.52 -12.07 15.10
N LEU A 96 10.64 -11.35 15.09
CA LEU A 96 12.02 -11.90 15.10
C LEU A 96 12.63 -11.76 16.50
N SER A 97 13.47 -12.72 16.91
CA SER A 97 14.11 -12.72 18.26
C SER A 97 14.90 -11.42 18.47
N ASP A 98 15.39 -10.78 17.40
CA ASP A 98 16.18 -9.52 17.51
C ASP A 98 15.26 -8.34 17.85
N MET A 99 13.92 -8.49 17.81
CA MET A 99 13.02 -7.35 18.10
C MET A 99 12.75 -7.32 19.61
N GLU A 100 12.94 -6.18 20.25
CA GLU A 100 12.51 -6.00 21.65
C GLU A 100 11.01 -5.70 21.64
N VAL A 101 10.19 -6.45 22.38
CA VAL A 101 8.70 -6.21 22.43
C VAL A 101 8.42 -4.82 23.01
N GLY A 102 7.53 -4.07 22.34
CA GLY A 102 7.05 -2.77 22.83
C GLY A 102 8.04 -1.65 22.55
N LYS A 103 9.16 -1.94 21.88
CA LYS A 103 10.14 -0.88 21.50
C LYS A 103 9.77 -0.32 20.12
N LYS A 104 9.89 0.99 19.96
CA LYS A 104 9.60 1.64 18.66
C LYS A 104 10.87 1.53 17.80
N TYR A 105 10.69 1.09 16.56
CA TYR A 105 11.76 1.01 15.55
C TYR A 105 11.41 1.91 14.38
N TYR A 106 12.44 2.48 13.75
CA TYR A 106 12.26 3.45 12.64
C TYR A 106 12.96 2.90 11.39
N SER A 107 12.33 3.03 10.23
CA SER A 107 12.87 2.53 8.95
C SER A 107 12.26 3.33 7.79
N ALA A 108 13.09 3.71 6.83
CA ALA A 108 12.68 4.47 5.64
C ALA A 108 12.10 3.53 4.60
N ASP A 109 12.23 2.21 4.74
CA ASP A 109 11.68 1.32 3.69
C ASP A 109 10.90 0.16 4.30
N GLY A 110 10.94 0.00 5.62
CA GLY A 110 10.16 -1.04 6.32
C GLY A 110 10.78 -2.40 6.10
N LEU A 111 12.02 -2.43 5.59
CA LEU A 111 12.74 -3.71 5.37
C LEU A 111 14.05 -3.69 6.16
N HIS A 112 14.79 -2.60 6.05
CA HIS A 112 16.11 -2.42 6.72
C HIS A 112 15.91 -1.72 8.06
N PHE A 113 16.27 -2.42 9.13
CA PHE A 113 16.33 -1.86 10.50
C PHE A 113 17.79 -2.00 10.94
N ASP A 114 18.12 -1.33 12.02
CA ASP A 114 19.55 -1.23 12.43
C ASP A 114 20.08 -2.62 12.82
N GLY A 115 19.22 -3.47 13.43
CA GLY A 115 19.60 -4.75 14.05
C GLY A 115 18.91 -5.97 13.46
N PHE A 116 18.14 -5.78 12.41
CA PHE A 116 17.45 -6.90 11.71
C PHE A 116 16.96 -6.38 10.37
N LYS A 117 16.61 -7.34 9.52
CA LYS A 117 16.19 -7.14 8.12
C LYS A 117 14.88 -7.91 7.96
N LEU A 118 13.88 -7.29 7.34
CA LEU A 118 12.59 -7.96 7.08
C LEU A 118 12.59 -8.44 5.66
N GLU A 119 11.99 -9.62 5.52
CA GLU A 119 11.36 -10.17 4.32
C GLU A 119 9.89 -9.73 4.39
N ASN A 120 9.49 -8.98 3.36
CA ASN A 120 8.06 -8.70 3.05
C ASN A 120 7.78 -9.28 1.67
N PRO A 121 7.75 -10.62 1.53
CA PRO A 121 7.71 -11.22 0.20
C PRO A 121 6.48 -10.83 -0.63
N PHE A 122 5.29 -10.69 -0.04
CA PHE A 122 4.14 -10.27 -0.87
C PHE A 122 4.37 -8.86 -1.46
N LEU A 123 5.23 -8.04 -0.85
CA LEU A 123 5.40 -6.65 -1.37
C LEU A 123 6.10 -6.68 -2.72
N PHE A 124 6.91 -7.71 -2.99
CA PHE A 124 7.74 -7.78 -4.19
C PHE A 124 7.37 -8.99 -5.07
N LYS A 125 6.32 -9.69 -4.72
CA LYS A 125 5.86 -10.90 -5.47
C LYS A 125 5.36 -10.50 -6.86
N ASP A 126 5.77 -11.27 -7.87
CA ASP A 126 5.31 -11.04 -9.26
C ASP A 126 3.81 -11.36 -9.32
N LEU A 127 3.00 -10.33 -9.59
CA LEU A 127 1.53 -10.45 -9.51
C LEU A 127 0.98 -11.13 -10.77
N THR A 128 1.82 -11.56 -11.73
CA THR A 128 1.35 -12.32 -12.90
C THR A 128 1.33 -13.83 -12.56
N GLU A 129 1.85 -14.24 -11.42
CA GLU A 129 1.79 -15.65 -10.98
C GLU A 129 0.49 -15.89 -10.23
N ALA A 130 -0.23 -16.96 -10.58
CA ALA A 130 -1.54 -17.27 -9.99
C ALA A 130 -1.41 -17.66 -8.52
N THR A 131 -2.45 -17.38 -7.75
CA THR A 131 -2.58 -17.91 -6.37
C THR A 131 -2.81 -19.41 -6.42
N ASN A 132 -2.37 -20.07 -5.38
CA ASN A 132 -2.71 -21.50 -5.14
C ASN A 132 -4.05 -21.67 -4.41
N TYR A 133 -4.76 -20.60 -4.09
CA TYR A 133 -6.12 -20.71 -3.53
C TYR A 133 -7.16 -20.89 -4.63
N SER A 134 -8.08 -21.81 -4.38
CA SER A 134 -9.27 -22.02 -5.22
C SER A 134 -10.29 -20.93 -4.92
N ALA A 135 -11.33 -20.89 -5.77
CA ALA A 135 -12.45 -19.97 -5.59
C ALA A 135 -13.08 -20.25 -4.22
N GLU A 136 -13.30 -21.51 -3.87
CA GLU A 136 -13.99 -21.87 -2.62
C GLU A 136 -13.14 -21.46 -1.41
N GLU A 137 -11.81 -21.55 -1.52
CA GLU A 137 -10.89 -21.16 -0.41
C GLU A 137 -10.97 -19.65 -0.24
N LEU A 138 -10.88 -18.90 -1.33
CA LEU A 138 -10.97 -17.44 -1.23
C LEU A 138 -12.31 -17.07 -0.56
N ASP A 139 -13.39 -17.74 -0.93
CA ASP A 139 -14.72 -17.43 -0.38
C ASP A 139 -14.77 -17.65 1.14
N LYS A 140 -13.93 -18.54 1.68
CA LYS A 140 -13.93 -18.90 3.11
C LYS A 140 -13.40 -17.75 3.95
N VAL A 141 -12.65 -16.84 3.34
CA VAL A 141 -11.93 -15.86 4.19
C VAL A 141 -12.94 -14.87 4.77
N PHE A 142 -14.11 -14.71 4.16
CA PHE A 142 -15.10 -13.72 4.64
C PHE A 142 -15.51 -14.13 6.06
N SER A 143 -15.86 -15.42 6.25
CA SER A 143 -16.20 -15.95 7.58
C SER A 143 -14.97 -15.90 8.51
N LEU A 144 -13.80 -16.32 8.02
CA LEU A 144 -12.61 -16.43 8.89
C LEU A 144 -12.12 -15.07 9.40
N LEU A 145 -12.31 -13.97 8.67
CA LEU A 145 -11.87 -12.62 9.09
C LEU A 145 -13.07 -11.76 9.54
N ASN A 146 -14.24 -12.37 9.71
CA ASN A 146 -15.46 -11.68 10.19
C ASN A 146 -15.73 -10.48 9.27
N ILE A 147 -15.85 -10.75 7.96
CA ILE A 147 -16.16 -9.69 6.97
C ILE A 147 -17.65 -9.77 6.66
N ASN A 148 -18.40 -8.78 7.11
CA ASN A 148 -19.87 -8.75 7.01
C ASN A 148 -20.32 -7.71 5.99
N ASN A 149 -21.39 -8.03 5.27
CA ASN A 149 -22.09 -7.09 4.36
C ASN A 149 -21.15 -6.69 3.22
N SER A 150 -20.25 -7.56 2.80
CA SER A 150 -19.36 -7.27 1.64
C SER A 150 -20.04 -7.59 0.30
N LEU A 151 -19.92 -6.70 -0.70
CA LEU A 151 -20.31 -6.99 -2.09
C LEU A 151 -19.42 -8.07 -2.72
N LEU A 152 -18.29 -8.41 -2.09
CA LEU A 152 -17.28 -9.33 -2.66
C LEU A 152 -17.52 -10.75 -2.09
N GLU A 153 -18.43 -10.88 -1.13
CA GLU A 153 -18.72 -12.22 -0.57
C GLU A 153 -19.17 -13.15 -1.70
N ASN A 154 -18.66 -14.38 -1.69
CA ASN A 154 -19.02 -15.41 -2.69
C ASN A 154 -18.67 -14.98 -4.12
N LYS A 155 -17.64 -14.16 -4.30
CA LYS A 155 -17.12 -13.79 -5.63
C LYS A 155 -15.75 -14.44 -5.87
N GLY A 156 -15.35 -15.45 -5.07
CA GLY A 156 -14.09 -16.18 -5.35
C GLY A 156 -14.05 -16.62 -6.81
N ALA A 157 -15.16 -17.13 -7.36
CA ALA A 157 -15.16 -17.63 -8.74
C ALA A 157 -14.88 -16.49 -9.73
N THR A 158 -15.35 -15.27 -9.45
CA THR A 158 -15.12 -14.13 -10.36
C THR A 158 -13.65 -13.71 -10.24
N PHE A 159 -13.09 -13.70 -9.02
CA PHE A 159 -11.64 -13.41 -8.86
C PHE A 159 -10.80 -14.43 -9.64
N LYS A 160 -11.16 -15.71 -9.56
CA LYS A 160 -10.35 -16.75 -10.27
C LYS A 160 -10.56 -16.61 -11.78
N GLU A 161 -11.75 -16.26 -12.26
CA GLU A 161 -11.94 -16.00 -13.71
C GLU A 161 -11.04 -14.84 -14.14
N ALA A 162 -11.02 -13.77 -13.35
CA ALA A 162 -10.18 -12.60 -13.67
C ALA A 162 -8.73 -13.06 -13.78
N GLU A 163 -8.29 -13.86 -12.83
CA GLU A 163 -6.92 -14.40 -12.84
C GLU A 163 -6.68 -15.24 -14.10
N GLU A 164 -7.60 -16.14 -14.44
CA GLU A 164 -7.47 -17.04 -15.62
C GLU A 164 -7.33 -16.21 -16.90
N HIS A 165 -8.15 -15.18 -17.04
CA HIS A 165 -8.30 -14.39 -18.29
C HIS A 165 -7.16 -13.37 -18.42
N TYR A 166 -6.82 -12.68 -17.33
CA TYR A 166 -5.89 -11.52 -17.40
C TYR A 166 -4.51 -11.88 -16.83
N HIS A 167 -4.34 -13.06 -16.24
CA HIS A 167 -3.03 -13.50 -15.67
C HIS A 167 -2.59 -12.53 -14.57
N ILE A 168 -3.49 -12.24 -13.64
CA ILE A 168 -3.21 -11.42 -12.44
C ILE A 168 -3.68 -12.24 -11.23
N ASN A 169 -2.80 -12.32 -10.22
CA ASN A 169 -2.96 -13.14 -9.00
C ASN A 169 -4.28 -12.77 -8.29
N ALA A 170 -5.15 -13.76 -8.07
CA ALA A 170 -6.48 -13.54 -7.48
C ALA A 170 -6.41 -13.22 -6.00
N LEU A 171 -5.37 -13.67 -5.29
CA LEU A 171 -5.22 -13.30 -3.85
C LEU A 171 -4.92 -11.82 -3.79
N TYR A 172 -4.02 -11.36 -4.64
CA TYR A 172 -3.74 -9.91 -4.79
C TYR A 172 -5.01 -9.17 -5.14
N LEU A 173 -5.81 -9.63 -6.10
CA LEU A 173 -7.01 -8.86 -6.49
C LEU A 173 -7.99 -8.79 -5.32
N LEU A 174 -8.14 -9.87 -4.57
CA LEU A 174 -9.02 -9.82 -3.38
C LEU A 174 -8.44 -8.86 -2.32
N ALA A 175 -7.14 -8.87 -2.09
CA ALA A 175 -6.51 -8.03 -1.05
C ALA A 175 -6.56 -6.57 -1.48
N HIS A 176 -6.35 -6.27 -2.77
CA HIS A 176 -6.40 -4.88 -3.28
C HIS A 176 -7.84 -4.36 -3.10
N SER A 177 -8.83 -5.13 -3.53
CA SER A 177 -10.23 -4.69 -3.37
C SER A 177 -10.57 -4.58 -1.87
N ALA A 178 -10.06 -5.49 -1.05
CA ALA A 178 -10.35 -5.42 0.39
C ALA A 178 -9.83 -4.11 0.98
N LEU A 179 -8.58 -3.78 0.68
CA LEU A 179 -7.95 -2.56 1.23
C LEU A 179 -8.63 -1.32 0.64
N GLU A 180 -8.73 -1.26 -0.69
CA GLU A 180 -9.07 0.00 -1.37
C GLU A 180 -10.54 0.39 -1.11
N SER A 181 -11.43 -0.59 -0.96
CA SER A 181 -12.90 -0.35 -0.94
C SER A 181 -13.50 -0.82 0.37
N ASN A 182 -12.67 -1.11 1.37
CA ASN A 182 -13.16 -1.64 2.67
C ASN A 182 -13.99 -2.92 2.41
N TRP A 183 -13.39 -3.89 1.72
CA TRP A 183 -14.08 -5.14 1.38
C TRP A 183 -15.37 -4.86 0.60
N GLY A 184 -15.33 -3.93 -0.32
CA GLY A 184 -16.52 -3.66 -1.16
C GLY A 184 -17.66 -3.08 -0.34
N ARG A 185 -17.34 -2.23 0.65
CA ARG A 185 -18.34 -1.59 1.53
C ARG A 185 -18.21 -0.06 1.47
N SER A 186 -17.30 0.48 0.66
CA SER A 186 -17.16 1.95 0.54
C SER A 186 -18.29 2.50 -0.33
N LYS A 187 -18.48 3.81 -0.31
CA LYS A 187 -19.54 4.43 -1.10
C LYS A 187 -19.22 4.29 -2.59
N ILE A 188 -17.93 4.39 -2.98
CA ILE A 188 -17.46 4.14 -4.38
C ILE A 188 -17.79 2.67 -4.74
N ALA A 189 -17.61 1.70 -3.83
CA ALA A 189 -17.89 0.28 -4.11
C ALA A 189 -19.38 0.13 -4.39
N LYS A 190 -20.19 0.67 -3.50
CA LYS A 190 -21.65 0.44 -3.56
C LYS A 190 -22.26 1.21 -4.74
N ASP A 191 -21.92 2.48 -4.92
CA ASP A 191 -22.56 3.33 -5.98
C ASP A 191 -22.03 2.90 -7.36
N LYS A 192 -20.73 2.60 -7.48
CA LYS A 192 -20.04 2.58 -8.82
C LYS A 192 -19.47 1.19 -9.16
N ASN A 193 -19.64 0.18 -8.29
CA ASN A 193 -19.10 -1.20 -8.42
C ASN A 193 -17.59 -1.14 -8.65
N ASN A 194 -16.96 -0.15 -8.04
CA ASN A 194 -15.54 0.18 -8.21
C ASN A 194 -14.88 -0.23 -6.88
N PHE A 195 -14.18 -1.35 -6.91
CA PHE A 195 -13.61 -1.93 -5.64
C PHE A 195 -12.12 -1.64 -5.50
N PHE A 196 -11.55 -1.02 -6.51
CA PHE A 196 -10.07 -0.88 -6.68
C PHE A 196 -9.65 0.58 -6.76
N GLY A 197 -10.55 1.52 -6.48
CA GLY A 197 -10.20 2.96 -6.57
C GLY A 197 -9.79 3.38 -7.97
N ILE A 198 -10.34 2.75 -9.02
CA ILE A 198 -9.97 3.10 -10.41
C ILE A 198 -10.37 4.55 -10.65
N THR A 199 -9.34 5.36 -11.03
CA THR A 199 -9.34 6.83 -11.28
C THR A 199 -9.97 7.58 -10.10
N ALA A 200 -9.84 7.08 -8.88
CA ALA A 200 -10.36 7.75 -7.65
C ALA A 200 -9.30 8.75 -7.14
N TYR A 201 -9.06 9.79 -7.93
CA TYR A 201 -7.93 10.72 -7.72
C TYR A 201 -8.09 11.44 -6.37
N ASP A 202 -6.97 11.77 -5.72
CA ASP A 202 -6.96 12.38 -4.36
C ASP A 202 -7.80 13.66 -4.33
N THR A 203 -7.75 14.45 -5.41
CA THR A 203 -8.42 15.79 -5.46
C THR A 203 -9.94 15.59 -5.31
N THR A 204 -10.53 14.61 -6.00
CA THR A 204 -12.00 14.40 -6.02
C THR A 204 -12.24 12.90 -6.18
N PRO A 205 -12.00 12.08 -5.13
CA PRO A 205 -11.94 10.63 -5.30
C PRO A 205 -13.28 10.02 -5.76
N TYR A 206 -14.39 10.38 -5.11
CA TYR A 206 -15.71 9.84 -5.50
C TYR A 206 -16.08 10.29 -6.91
N LEU A 207 -15.97 11.57 -7.21
CA LEU A 207 -16.42 12.08 -8.55
C LEU A 207 -15.57 11.50 -9.68
N SER A 208 -14.26 11.37 -9.46
CA SER A 208 -13.35 10.94 -10.55
C SER A 208 -13.44 9.42 -10.75
N ALA A 209 -13.92 8.67 -9.76
CA ALA A 209 -13.85 7.18 -9.77
C ALA A 209 -14.68 6.66 -10.95
N LYS A 210 -14.12 5.67 -11.64
CA LYS A 210 -14.79 5.04 -12.80
C LYS A 210 -16.05 4.30 -12.34
N THR A 211 -17.05 4.23 -13.20
CA THR A 211 -18.30 3.47 -12.94
C THR A 211 -18.30 2.18 -13.76
N PHE A 212 -18.58 1.06 -13.06
CA PHE A 212 -18.76 -0.30 -13.65
C PHE A 212 -20.19 -0.79 -13.48
N ASP A 213 -20.61 -1.74 -14.33
CA ASP A 213 -22.05 -2.01 -14.54
C ASP A 213 -22.64 -2.84 -13.41
N ASP A 214 -21.88 -3.83 -12.90
CA ASP A 214 -22.31 -4.70 -11.79
C ASP A 214 -21.07 -5.23 -11.06
N VAL A 215 -21.24 -6.07 -10.04
CA VAL A 215 -20.08 -6.51 -9.22
C VAL A 215 -19.13 -7.30 -10.12
N ASP A 216 -19.64 -8.26 -10.90
CA ASP A 216 -18.74 -9.12 -11.70
C ASP A 216 -18.00 -8.29 -12.76
N LYS A 217 -18.72 -7.39 -13.42
N LYS A 217 -18.72 -7.39 -13.42
CA LYS A 217 -18.08 -6.51 -14.45
CA LYS A 217 -18.10 -6.50 -14.45
C LYS A 217 -17.13 -5.54 -13.76
C LYS A 217 -17.14 -5.53 -13.77
N GLY A 218 -17.41 -5.16 -12.51
CA GLY A 218 -16.46 -4.34 -11.75
C GLY A 218 -15.17 -5.10 -11.45
N ILE A 219 -15.27 -6.36 -11.02
CA ILE A 219 -14.04 -7.16 -10.77
C ILE A 219 -13.27 -7.39 -12.07
N LEU A 220 -13.97 -7.83 -13.12
CA LEU A 220 -13.30 -8.11 -14.40
C LEU A 220 -12.79 -6.81 -15.02
N GLY A 221 -13.56 -5.72 -14.96
CA GLY A 221 -13.19 -4.45 -15.63
C GLY A 221 -11.99 -3.81 -14.91
N ALA A 222 -11.99 -3.87 -13.57
CA ALA A 222 -10.86 -3.35 -12.79
C ALA A 222 -9.59 -4.15 -13.10
N THR A 223 -9.73 -5.47 -13.22
CA THR A 223 -8.58 -6.34 -13.50
C THR A 223 -8.02 -6.00 -14.89
N LYS A 224 -8.89 -5.78 -15.88
CA LYS A 224 -8.44 -5.40 -17.23
C LYS A 224 -7.66 -4.09 -17.09
N TRP A 225 -8.19 -3.16 -16.30
CA TRP A 225 -7.63 -1.79 -16.22
C TRP A 225 -6.24 -1.88 -15.57
N ILE A 226 -6.11 -2.72 -14.53
CA ILE A 226 -4.81 -2.91 -13.84
C ILE A 226 -3.82 -3.60 -14.80
N LYS A 227 -4.26 -4.61 -15.52
CA LYS A 227 -3.41 -5.31 -16.49
C LYS A 227 -2.89 -4.30 -17.51
N GLU A 228 -3.77 -3.48 -18.08
CA GLU A 228 -3.41 -2.64 -19.24
C GLU A 228 -2.58 -1.44 -18.80
N ASN A 229 -2.87 -0.88 -17.62
CA ASN A 229 -2.24 0.39 -17.20
C ASN A 229 -1.04 0.14 -16.31
N TYR A 230 -0.90 -1.03 -15.66
CA TYR A 230 0.21 -1.31 -14.71
C TYR A 230 1.02 -2.53 -15.15
N ILE A 231 0.42 -3.72 -15.18
CA ILE A 231 1.19 -4.97 -15.44
C ILE A 231 1.88 -4.90 -16.81
N ASP A 232 1.13 -4.55 -17.85
CA ASP A 232 1.66 -4.46 -19.24
C ASP A 232 2.68 -3.32 -19.38
N ARG A 233 2.75 -2.40 -18.40
CA ARG A 233 3.68 -1.25 -18.45
C ARG A 233 4.87 -1.52 -17.54
N GLY A 234 5.01 -2.75 -17.04
CA GLY A 234 6.22 -3.16 -16.29
C GLY A 234 6.10 -2.89 -14.80
N ARG A 235 4.94 -2.54 -14.28
CA ARG A 235 4.69 -2.45 -12.81
C ARG A 235 4.01 -3.74 -12.42
N THR A 236 4.78 -4.72 -11.95
CA THR A 236 4.31 -6.12 -11.82
C THR A 236 4.35 -6.59 -10.37
N PHE A 237 4.59 -5.70 -9.41
CA PHE A 237 4.57 -6.01 -7.96
C PHE A 237 4.13 -4.74 -7.24
N LEU A 238 3.69 -4.92 -6.01
CA LEU A 238 3.09 -3.83 -5.23
C LEU A 238 4.12 -2.72 -4.97
N GLY A 239 5.21 -3.07 -4.29
CA GLY A 239 6.35 -2.19 -4.03
C GLY A 239 6.02 -1.00 -3.14
N ASN A 240 6.66 0.10 -3.46
CA ASN A 240 6.75 1.28 -2.57
C ASN A 240 6.96 2.51 -3.45
N LYS A 241 7.53 3.59 -2.92
CA LYS A 241 7.65 4.83 -3.74
C LYS A 241 8.85 4.77 -4.66
N ALA A 242 9.71 3.75 -4.55
CA ALA A 242 10.88 3.62 -5.43
C ALA A 242 10.59 2.74 -6.64
N SER A 243 9.74 1.72 -6.51
CA SER A 243 9.45 0.81 -7.64
C SER A 243 8.14 0.08 -7.36
N GLY A 244 7.59 -0.51 -8.39
CA GLY A 244 6.30 -1.20 -8.28
C GLY A 244 5.11 -0.30 -8.58
N MET A 245 3.94 -0.90 -8.45
CA MET A 245 2.65 -0.20 -8.69
C MET A 245 2.50 1.03 -7.78
N ASN A 246 3.07 1.02 -6.58
CA ASN A 246 2.84 2.13 -5.60
C ASN A 246 3.47 3.43 -6.10
N VAL A 247 4.44 3.35 -7.01
CA VAL A 247 5.04 4.61 -7.53
C VAL A 247 3.92 5.51 -8.10
N GLU A 248 3.04 4.95 -8.92
CA GLU A 248 1.97 5.69 -9.63
C GLU A 248 0.57 5.45 -9.06
N TYR A 249 0.27 4.28 -8.45
CA TYR A 249 -1.14 3.87 -8.28
C TYR A 249 -1.80 4.77 -7.23
N ALA A 250 -1.07 5.13 -6.19
CA ALA A 250 -1.65 5.80 -4.98
C ALA A 250 -0.65 6.76 -4.39
N SER A 251 -1.15 7.87 -3.84
CA SER A 251 -0.28 8.85 -3.15
C SER A 251 0.20 8.27 -1.81
N ASP A 252 -0.58 7.39 -1.21
CA ASP A 252 -0.23 6.76 0.08
C ASP A 252 1.09 6.01 -0.08
N PRO A 253 2.15 6.41 0.66
CA PRO A 253 3.46 5.75 0.55
C PRO A 253 3.43 4.28 1.01
N TYR A 254 2.39 3.90 1.77
CA TYR A 254 2.31 2.55 2.37
C TYR A 254 1.17 1.75 1.75
N TRP A 255 0.63 2.21 0.61
CA TRP A 255 -0.43 1.46 -0.12
C TRP A 255 0.03 0.02 -0.39
N GLY A 256 1.23 -0.15 -0.91
CA GLY A 256 1.71 -1.50 -1.26
C GLY A 256 1.82 -2.34 0.01
N GLU A 257 2.43 -1.77 1.05
CA GLU A 257 2.62 -2.49 2.33
C GLU A 257 1.25 -2.86 2.90
N LYS A 258 0.26 -2.00 2.76
CA LYS A 258 -1.12 -2.29 3.26
C LYS A 258 -1.75 -3.47 2.50
N ILE A 259 -1.57 -3.54 1.20
CA ILE A 259 -2.17 -4.63 0.40
C ILE A 259 -1.39 -5.91 0.73
N ALA A 260 -0.05 -5.85 0.82
CA ALA A 260 0.77 -7.02 1.19
C ALA A 260 0.32 -7.54 2.56
N SER A 261 0.01 -6.64 3.50
CA SER A 261 -0.39 -7.06 4.86
C SER A 261 -1.69 -7.86 4.77
N VAL A 262 -2.64 -7.38 3.96
CA VAL A 262 -3.93 -8.11 3.78
C VAL A 262 -3.65 -9.47 3.13
N MET A 263 -2.78 -9.52 2.13
CA MET A 263 -2.41 -10.82 1.52
C MET A 263 -1.84 -11.76 2.59
N MET A 264 -0.94 -11.24 3.42
N MET A 264 -0.96 -11.25 3.44
CA MET A 264 -0.32 -12.02 4.52
CA MET A 264 -0.35 -12.09 4.50
C MET A 264 -1.42 -12.55 5.45
C MET A 264 -1.46 -12.57 5.46
N LYS A 265 -2.38 -11.69 5.84
CA LYS A 265 -3.43 -12.08 6.82
C LYS A 265 -4.33 -13.16 6.18
N ILE A 266 -4.75 -12.98 4.93
CA ILE A 266 -5.60 -13.99 4.25
C ILE A 266 -4.80 -15.29 4.13
N ASN A 267 -3.56 -15.19 3.62
CA ASN A 267 -2.75 -16.41 3.40
C ASN A 267 -2.63 -17.20 4.70
N GLU A 268 -2.47 -16.50 5.81
CA GLU A 268 -2.28 -17.22 7.11
C GLU A 268 -3.59 -17.95 7.46
N LYS A 269 -4.72 -17.26 7.34
CA LYS A 269 -6.04 -17.82 7.69
C LYS A 269 -6.37 -19.01 6.80
N LEU A 270 -5.87 -19.05 5.55
CA LEU A 270 -6.27 -20.10 4.59
C LEU A 270 -5.25 -21.26 4.58
N GLY A 271 -4.19 -21.21 5.39
CA GLY A 271 -3.28 -22.36 5.64
C GLY A 271 -1.92 -22.18 4.96
N GLY A 272 -1.59 -20.99 4.40
CA GLY A 272 -0.22 -20.69 3.97
C GLY A 272 0.18 -21.39 2.67
N LYS A 273 -0.73 -21.53 1.71
CA LYS A 273 -0.41 -22.20 0.44
C LYS A 273 0.39 -21.28 -0.50
N ASP A 274 0.34 -19.97 -0.30
CA ASP A 274 1.09 -19.06 -1.18
C ASP A 274 2.40 -18.64 -0.51
#